data_7OAW
#
_entry.id   7OAW
#
_cell.length_a   59.071
_cell.length_b   100.031
_cell.length_c   113.865
_cell.angle_alpha   90.000
_cell.angle_beta   90.000
_cell.angle_gamma   90.000
#
_symmetry.space_group_name_H-M   'P 21 21 21'
#
loop_
_entity.id
_entity.type
_entity.pdbx_description
1 polymer 'Chili RNA Aptamer'
2 non-polymer "GUANOSINE-5'-TRIPHOSPHATE"
3 non-polymer 'POTASSIUM ION'
4 non-polymer DMHBI+
5 non-polymer 'MAGNESIUM ION'
6 non-polymer SPERMINE
7 non-polymer 'CHLORIDE ION'
#
_entity_poly.entity_id   1
_entity_poly.type   'polyribonucleotide'
_entity_poly.pdbx_seq_one_letter_code
;GGCUAGCUGGAGGGGCGCCAGUUCGCUGGUGGUUGGGUGCGGUCGGCUAGCC
;
_entity_poly.pdbx_strand_id   A,B,C,D
#